data_1TBU
#
_entry.id   1TBU
#
_cell.length_a   80.261
_cell.length_b   80.261
_cell.length_c   137.079
_cell.angle_alpha   90.00
_cell.angle_beta   90.00
_cell.angle_gamma   120.00
#
_symmetry.space_group_name_H-M   'P 31 2 1'
#
loop_
_entity.id
_entity.type
_entity.pdbx_description
1 polymer 'Peroxisomal acyl-coenzyme A thioester hydrolase 1'
2 non-polymer 'FORMIC ACID'
3 water water
#
_entity_poly.entity_id   1
_entity_poly.type   'polypeptide(L)'
_entity_poly.pdbx_seq_one_letter_code
;MSASKMAMSNLEKILELVPLSPTSFVTKYLPAAPVGSKGTFGGTLVSQSLLASLHTVPLNFFPTSLHSYFIKGGDPRTKI
TYHVQNLRNGRNFIHKQVSAYQHDKLIFTSMILFAVQR
;
_entity_poly.pdbx_strand_id   A,B,C,D
#
loop_
_chem_comp.id
_chem_comp.type
_chem_comp.name
_chem_comp.formula
FMT non-polymer 'FORMIC ACID' 'C H2 O2'
#
# COMPACT_ATOMS: atom_id res chain seq x y z
N LYS A 13 -10.01 -10.93 21.47
CA LYS A 13 -9.74 -11.46 22.84
C LYS A 13 -8.51 -12.36 22.85
N ILE A 14 -7.55 -11.95 22.02
CA ILE A 14 -6.62 -12.84 21.29
C ILE A 14 -6.20 -11.95 20.09
N LEU A 15 -7.18 -11.20 19.57
CA LEU A 15 -6.94 -9.97 18.81
C LEU A 15 -7.00 -8.74 19.77
N GLU A 16 -6.34 -8.83 20.90
CA GLU A 16 -6.42 -7.78 21.91
C GLU A 16 -5.15 -7.02 21.84
N LEU A 17 -5.24 -5.71 21.71
CA LEU A 17 -4.07 -4.84 21.75
C LEU A 17 -3.99 -4.02 23.02
N VAL A 18 -2.77 -3.80 23.49
CA VAL A 18 -2.50 -2.91 24.58
C VAL A 18 -1.98 -1.61 24.01
N PRO A 19 -2.67 -0.51 24.27
CA PRO A 19 -2.16 0.80 23.89
C PRO A 19 -0.88 1.12 24.62
N LEU A 20 0.06 1.69 23.91
CA LEU A 20 1.27 2.16 24.54
C LEU A 20 1.40 3.66 24.45
N SER A 21 0.63 4.28 23.57
CA SER A 21 0.69 5.71 23.33
C SER A 21 -0.51 6.04 22.46
N PRO A 22 -0.67 7.27 22.00
CA PRO A 22 -1.79 7.54 21.10
C PRO A 22 -1.81 6.75 19.75
N THR A 23 -0.68 6.20 19.33
CA THR A 23 -0.50 5.62 18.02
C THR A 23 0.19 4.31 18.02
N SER A 24 0.48 3.70 19.17
CA SER A 24 1.26 2.48 19.22
C SER A 24 0.57 1.49 20.14
N PHE A 25 0.65 0.21 19.77
CA PHE A 25 -0.15 -0.87 20.36
C PHE A 25 0.67 -2.15 20.28
N VAL A 26 0.72 -2.94 21.38
CA VAL A 26 1.38 -4.27 21.38
C VAL A 26 0.32 -5.33 21.50
N THR A 27 0.60 -6.49 20.98
CA THR A 27 -0.26 -7.65 21.22
C THR A 27 -0.10 -8.10 22.69
N LYS A 28 -1.23 -8.46 23.29
CA LYS A 28 -1.35 -8.85 24.69
C LYS A 28 -0.95 -10.29 24.79
N TYR A 29 -1.55 -11.09 23.90
CA TYR A 29 -1.22 -12.50 23.73
C TYR A 29 -0.39 -12.83 22.47
N LEU A 30 0.18 -14.04 22.47
CA LEU A 30 1.05 -14.52 21.40
C LEU A 30 0.29 -14.63 20.05
N PRO A 31 0.76 -13.96 19.00
CA PRO A 31 0.26 -14.19 17.63
C PRO A 31 0.43 -15.63 17.15
N THR A 40 3.37 -15.34 11.98
CA THR A 40 2.03 -14.82 12.27
C THR A 40 1.11 -15.12 11.12
N PHE A 41 -0.15 -15.43 11.39
CA PHE A 41 -1.05 -15.46 10.26
C PHE A 41 -1.37 -14.04 9.73
N GLY A 42 -1.42 -13.94 8.40
CA GLY A 42 -1.76 -12.72 7.71
C GLY A 42 -3.06 -12.14 8.22
N GLY A 43 -4.04 -13.01 8.46
CA GLY A 43 -5.38 -12.62 8.86
C GLY A 43 -5.40 -11.90 10.20
N THR A 44 -4.53 -12.35 11.09
CA THR A 44 -4.29 -11.72 12.38
C THR A 44 -3.61 -10.35 12.22
N LEU A 45 -2.59 -10.28 11.38
CA LEU A 45 -1.92 -9.03 11.04
C LEU A 45 -2.92 -7.98 10.55
N VAL A 46 -3.77 -8.40 9.66
CA VAL A 46 -4.69 -7.48 9.05
C VAL A 46 -5.71 -6.99 10.05
N SER A 47 -6.27 -7.92 10.83
CA SER A 47 -7.32 -7.58 11.79
C SER A 47 -6.80 -6.72 12.97
N GLN A 48 -5.63 -7.07 13.49
CA GLN A 48 -5.03 -6.28 14.54
C GLN A 48 -4.72 -4.86 14.01
N SER A 49 -4.25 -4.76 12.78
CA SER A 49 -3.87 -3.45 12.25
C SER A 49 -5.16 -2.59 12.03
N LEU A 50 -6.25 -3.24 11.68
CA LEU A 50 -7.52 -2.53 11.52
C LEU A 50 -8.05 -2.03 12.91
N LEU A 51 -7.98 -2.89 13.92
CA LEU A 51 -8.40 -2.52 15.28
C LEU A 51 -7.56 -1.37 15.86
N ALA A 52 -6.24 -1.42 15.66
CA ALA A 52 -5.33 -0.33 16.00
C ALA A 52 -5.75 0.96 15.36
N SER A 53 -6.06 0.91 14.07
CA SER A 53 -6.42 2.12 13.35
C SER A 53 -7.75 2.65 13.88
N LEU A 54 -8.66 1.77 14.28
CA LEU A 54 -9.98 2.21 14.70
C LEU A 54 -9.94 3.04 15.99
N HIS A 55 -9.03 2.71 16.88
CA HIS A 55 -8.73 3.56 18.05
C HIS A 55 -8.26 5.00 17.78
N THR A 56 -7.87 5.36 16.55
CA THR A 56 -7.27 6.69 16.28
C THR A 56 -8.08 7.57 15.33
N VAL A 57 -9.26 7.11 15.01
CA VAL A 57 -10.09 7.71 14.02
C VAL A 57 -11.38 8.03 14.75
N PRO A 58 -12.03 9.15 14.45
CA PRO A 58 -13.27 9.48 15.15
C PRO A 58 -14.33 8.41 14.91
N LEU A 59 -15.19 8.26 15.89
CA LEU A 59 -16.24 7.23 15.88
C LEU A 59 -17.19 7.23 14.69
N ASN A 60 -17.41 8.38 14.10
CA ASN A 60 -18.29 8.45 12.95
C ASN A 60 -17.57 8.16 11.58
N PHE A 61 -16.31 7.70 11.57
CA PHE A 61 -15.64 7.37 10.30
C PHE A 61 -15.61 5.86 10.18
N PHE A 62 -15.83 5.36 8.97
CA PHE A 62 -15.87 3.93 8.72
C PHE A 62 -14.95 3.54 7.53
N PRO A 63 -14.30 2.39 7.67
CA PRO A 63 -13.35 1.93 6.65
C PRO A 63 -14.04 1.69 5.31
N THR A 64 -13.55 2.24 4.20
CA THR A 64 -14.07 1.86 2.87
C THR A 64 -13.23 0.80 2.16
N SER A 65 -11.94 0.84 2.41
CA SER A 65 -11.01 -0.16 1.87
C SER A 65 -9.73 -0.26 2.70
N LEU A 66 -9.04 -1.35 2.48
CA LEU A 66 -7.82 -1.63 3.24
C LEU A 66 -6.84 -2.36 2.30
N HIS A 67 -5.57 -2.09 2.47
CA HIS A 67 -4.56 -2.51 1.50
C HIS A 67 -3.37 -2.92 2.35
N SER A 68 -3.02 -4.21 2.33
CA SER A 68 -2.03 -4.76 3.24
C SER A 68 -0.89 -5.43 2.44
N TYR A 69 0.35 -5.26 2.93
CA TYR A 69 1.55 -5.64 2.26
C TYR A 69 2.33 -6.51 3.24
N PHE A 70 2.67 -7.72 2.80
CA PHE A 70 3.33 -8.73 3.63
C PHE A 70 4.76 -8.58 3.33
N ILE A 71 5.46 -7.92 4.24
CA ILE A 71 6.83 -7.50 3.97
C ILE A 71 7.89 -8.53 4.40
N LYS A 72 7.69 -9.19 5.52
CA LYS A 72 8.62 -10.23 5.97
C LYS A 72 7.82 -11.17 6.89
N GLY A 73 8.17 -12.46 6.90
CA GLY A 73 7.39 -13.46 7.63
C GLY A 73 7.39 -13.21 9.14
N GLY A 74 6.26 -13.37 9.79
CA GLY A 74 6.21 -13.19 11.23
C GLY A 74 6.53 -14.47 12.01
N ASP A 75 6.90 -14.35 13.28
CA ASP A 75 6.87 -15.52 14.16
C ASP A 75 5.86 -15.29 15.26
N PRO A 76 5.08 -16.32 15.55
CA PRO A 76 3.92 -16.18 16.42
C PRO A 76 4.30 -16.34 17.87
N ARG A 77 5.57 -16.68 18.09
CA ARG A 77 6.16 -16.73 19.43
C ARG A 77 6.66 -15.34 19.87
N THR A 78 6.41 -14.30 19.08
CA THR A 78 6.84 -12.94 19.43
C THR A 78 5.69 -11.95 19.35
N LYS A 79 5.79 -10.89 20.15
CA LYS A 79 4.75 -9.89 20.20
C LYS A 79 4.87 -9.02 18.95
N ILE A 80 3.74 -8.46 18.52
CA ILE A 80 3.76 -7.50 17.40
C ILE A 80 3.42 -6.11 17.91
N THR A 81 4.18 -5.14 17.47
CA THR A 81 3.96 -3.74 17.81
C THR A 81 3.45 -3.02 16.57
N TYR A 82 2.31 -2.34 16.71
CA TYR A 82 1.63 -1.66 15.61
C TYR A 82 1.80 -0.17 15.82
N HIS A 83 2.12 0.56 14.76
CA HIS A 83 2.23 2.00 14.82
C HIS A 83 1.30 2.55 13.77
N VAL A 84 0.42 3.46 14.20
CA VAL A 84 -0.53 4.11 13.33
C VAL A 84 0.06 5.46 12.94
N GLN A 85 0.12 5.71 11.62
CA GLN A 85 0.76 6.92 11.06
C GLN A 85 -0.27 7.58 10.19
N ASN A 86 -0.49 8.85 10.45
CA ASN A 86 -1.54 9.56 9.74
C ASN A 86 -0.99 9.90 8.34
N LEU A 87 -1.81 9.71 7.32
CA LEU A 87 -1.40 9.99 5.95
C LEU A 87 -2.11 11.23 5.42
N ARG A 88 -3.40 11.31 5.66
CA ARG A 88 -4.18 12.42 5.23
C ARG A 88 -5.55 12.46 5.91
N ASN A 89 -5.96 13.70 6.23
CA ASN A 89 -7.24 14.07 6.85
C ASN A 89 -8.03 15.05 5.99
N GLY A 90 -9.33 14.99 6.16
CA GLY A 90 -10.27 15.98 5.68
C GLY A 90 -11.47 15.82 6.56
N ARG A 91 -12.53 16.55 6.24
CA ARG A 91 -13.79 16.42 6.95
C ARG A 91 -14.52 15.17 6.46
N ASN A 92 -14.24 14.76 5.22
CA ASN A 92 -14.94 13.61 4.64
C ASN A 92 -14.15 12.29 4.56
N PHE A 93 -12.82 12.37 4.59
CA PHE A 93 -11.95 11.21 4.36
C PHE A 93 -10.79 11.26 5.32
N ILE A 94 -10.35 10.09 5.78
CA ILE A 94 -9.11 9.92 6.56
C ILE A 94 -8.33 8.72 5.98
N HIS A 95 -7.05 8.93 5.66
CA HIS A 95 -6.11 7.87 5.35
C HIS A 95 -5.10 7.58 6.45
N LYS A 96 -5.00 6.32 6.86
CA LYS A 96 -4.02 5.91 7.82
C LYS A 96 -3.08 4.80 7.29
N GLN A 97 -1.85 4.78 7.79
CA GLN A 97 -0.99 3.67 7.58
C GLN A 97 -0.77 2.98 8.90
N VAL A 98 -0.76 1.65 8.92
CA VAL A 98 -0.41 0.91 10.11
C VAL A 98 0.72 -0.01 9.83
N SER A 99 1.83 0.16 10.55
CA SER A 99 2.98 -0.73 10.38
C SER A 99 3.21 -1.65 11.61
N ALA A 100 3.67 -2.84 11.34
CA ALA A 100 3.78 -3.89 12.33
C ALA A 100 5.24 -4.31 12.38
N TYR A 101 5.75 -4.40 13.60
CA TYR A 101 7.14 -4.64 13.89
C TYR A 101 7.30 -5.79 14.86
N GLN A 102 8.33 -6.58 14.59
CA GLN A 102 8.79 -7.66 15.46
C GLN A 102 10.33 -7.53 15.51
N HIS A 103 10.90 -7.46 16.71
CA HIS A 103 12.36 -7.42 16.86
C HIS A 103 12.94 -6.28 16.09
N ASP A 104 12.28 -5.14 16.19
CA ASP A 104 12.75 -3.94 15.52
C ASP A 104 12.83 -4.10 13.98
N LYS A 105 11.99 -4.95 13.41
CA LYS A 105 11.94 -5.15 11.96
C LYS A 105 10.52 -5.01 11.41
N LEU A 106 10.36 -4.25 10.35
CA LEU A 106 9.06 -4.06 9.75
C LEU A 106 8.68 -5.38 9.09
N ILE A 107 7.54 -5.93 9.49
CA ILE A 107 7.10 -7.18 8.89
C ILE A 107 5.87 -7.03 7.97
N PHE A 108 5.17 -5.90 8.09
CA PHE A 108 3.83 -5.81 7.54
C PHE A 108 3.34 -4.37 7.64
N THR A 109 2.68 -3.91 6.58
CA THR A 109 2.12 -2.61 6.58
C THR A 109 0.76 -2.57 5.85
N SER A 110 -0.10 -1.73 6.34
CA SER A 110 -1.42 -1.63 5.77
C SER A 110 -1.81 -0.12 5.64
N MET A 111 -2.45 0.23 4.52
CA MET A 111 -3.14 1.46 4.36
C MET A 111 -4.68 1.25 4.53
N ILE A 112 -5.30 2.02 5.43
CA ILE A 112 -6.74 1.93 5.66
C ILE A 112 -7.36 3.29 5.32
N LEU A 113 -8.38 3.26 4.48
CA LEU A 113 -9.09 4.45 4.00
C LEU A 113 -10.46 4.47 4.67
N PHE A 114 -10.83 5.62 5.22
CA PHE A 114 -12.05 5.77 5.98
C PHE A 114 -12.94 6.88 5.37
N ALA A 115 -14.24 6.79 5.52
CA ALA A 115 -15.13 7.87 5.06
C ALA A 115 -16.14 8.16 6.17
N VAL A 116 -16.65 9.37 6.17
CA VAL A 116 -17.53 9.87 7.23
C VAL A 116 -18.96 9.39 7.03
N LYS B 13 -9.29 -21.22 13.92
CA LYS B 13 -10.58 -21.85 14.37
C LYS B 13 -11.57 -20.80 14.92
N ILE B 14 -12.82 -20.85 14.44
CA ILE B 14 -13.76 -19.72 14.53
C ILE B 14 -13.93 -19.03 13.16
N LEU B 15 -12.87 -19.04 12.36
CA LEU B 15 -12.89 -18.50 11.00
C LEU B 15 -13.05 -19.63 9.94
N GLU B 16 -13.19 -20.87 10.40
CA GLU B 16 -13.33 -22.09 9.58
C GLU B 16 -14.36 -21.92 8.50
N LEU B 17 -13.99 -22.37 7.31
CA LEU B 17 -14.83 -22.35 6.14
C LEU B 17 -15.10 -23.81 5.74
N VAL B 18 -16.26 -24.04 5.16
CA VAL B 18 -16.60 -25.32 4.58
C VAL B 18 -16.50 -25.11 3.08
N PRO B 19 -15.64 -25.88 2.42
CA PRO B 19 -15.50 -25.81 0.97
C PRO B 19 -16.70 -26.41 0.28
N LEU B 20 -17.33 -25.63 -0.58
CA LEU B 20 -18.45 -26.07 -1.39
C LEU B 20 -17.94 -26.64 -2.70
N SER B 21 -16.76 -26.17 -3.10
CA SER B 21 -16.13 -26.57 -4.32
C SER B 21 -14.66 -26.11 -4.25
N PRO B 22 -13.89 -26.35 -5.30
CA PRO B 22 -12.50 -25.86 -5.30
C PRO B 22 -12.41 -24.32 -5.22
N THR B 23 -13.44 -23.59 -5.63
CA THR B 23 -13.37 -22.13 -5.57
C THR B 23 -14.52 -21.44 -4.77
N SER B 24 -15.23 -22.20 -3.93
CA SER B 24 -16.38 -21.67 -3.17
C SER B 24 -16.36 -22.20 -1.76
N PHE B 25 -16.61 -21.31 -0.80
CA PHE B 25 -16.53 -21.65 0.61
C PHE B 25 -17.63 -20.92 1.31
N VAL B 26 -18.11 -21.46 2.42
CA VAL B 26 -19.08 -20.78 3.28
C VAL B 26 -18.64 -20.96 4.72
N THR B 27 -18.93 -19.98 5.54
CA THR B 27 -18.67 -20.05 6.97
C THR B 27 -19.39 -21.27 7.57
N LYS B 28 -18.73 -21.93 8.50
CA LYS B 28 -19.28 -23.06 9.23
C LYS B 28 -20.24 -22.53 10.31
N TYR B 29 -19.72 -21.63 11.16
CA TYR B 29 -20.41 -21.12 12.34
C TYR B 29 -20.58 -19.60 12.37
N LEU B 30 -21.82 -19.10 12.34
CA LEU B 30 -22.08 -17.63 12.30
C LEU B 30 -21.34 -16.81 13.42
N GLY B 39 -17.26 -2.49 14.24
CA GLY B 39 -15.81 -2.53 14.34
C GLY B 39 -15.15 -3.58 13.45
N THR B 40 -15.22 -4.88 13.83
CA THR B 40 -14.53 -5.96 13.05
C THR B 40 -15.30 -7.26 12.61
N PHE B 41 -16.46 -7.00 12.10
CA PHE B 41 -16.89 -7.75 10.97
C PHE B 41 -15.74 -7.70 9.90
N GLY B 42 -15.05 -6.57 9.80
CA GLY B 42 -14.09 -6.32 8.75
C GLY B 42 -12.93 -7.29 8.76
N GLY B 43 -12.35 -7.47 9.92
CA GLY B 43 -11.20 -8.32 10.07
C GLY B 43 -11.55 -9.75 9.76
N THR B 44 -12.78 -10.12 10.06
CA THR B 44 -13.26 -11.46 9.79
C THR B 44 -13.42 -11.71 8.28
N LEU B 45 -13.98 -10.74 7.57
CA LEU B 45 -14.14 -10.81 6.14
C LEU B 45 -12.80 -10.89 5.40
N VAL B 46 -11.82 -10.13 5.84
CA VAL B 46 -10.51 -10.12 5.24
C VAL B 46 -9.85 -11.44 5.53
N SER B 47 -9.96 -11.88 6.78
CA SER B 47 -9.35 -13.12 7.22
C SER B 47 -9.91 -14.34 6.49
N GLN B 48 -11.21 -14.48 6.40
CA GLN B 48 -11.79 -15.61 5.70
C GLN B 48 -11.57 -15.53 4.20
N SER B 49 -11.52 -14.33 3.65
CA SER B 49 -11.23 -14.14 2.24
C SER B 49 -9.84 -14.68 1.90
N LEU B 50 -8.89 -14.38 2.78
CA LEU B 50 -7.53 -14.79 2.60
C LEU B 50 -7.45 -16.30 2.70
N LEU B 51 -8.07 -16.86 3.75
CA LEU B 51 -8.10 -18.31 3.90
C LEU B 51 -8.71 -19.00 2.70
N ALA B 52 -9.83 -18.47 2.20
CA ALA B 52 -10.43 -19.05 1.03
C ALA B 52 -9.43 -19.11 -0.16
N SER B 53 -8.72 -17.99 -0.40
CA SER B 53 -7.81 -17.85 -1.51
C SER B 53 -6.63 -18.79 -1.32
N LEU B 54 -6.23 -19.00 -0.07
CA LEU B 54 -5.10 -19.87 0.22
C LEU B 54 -5.38 -21.35 -0.12
N HIS B 55 -6.65 -21.72 -0.15
CA HIS B 55 -7.04 -23.05 -0.63
C HIS B 55 -7.00 -23.25 -2.15
N THR B 56 -6.75 -22.20 -2.93
CA THR B 56 -6.70 -22.34 -4.37
C THR B 56 -5.29 -22.25 -4.96
N VAL B 57 -4.27 -22.07 -4.11
CA VAL B 57 -2.90 -21.91 -4.60
C VAL B 57 -1.97 -22.88 -3.95
N PRO B 58 -0.88 -23.21 -4.63
CA PRO B 58 0.12 -24.13 -4.09
C PRO B 58 0.80 -23.62 -2.86
N LEU B 59 1.39 -24.53 -2.10
CA LEU B 59 1.96 -24.23 -0.80
C LEU B 59 2.91 -23.01 -0.83
N ASN B 60 3.70 -22.87 -1.90
CA ASN B 60 4.81 -21.93 -1.91
C ASN B 60 4.51 -20.62 -2.66
N PHE B 61 3.23 -20.47 -3.02
CA PHE B 61 2.72 -19.20 -3.44
C PHE B 61 2.22 -18.48 -2.19
N PHE B 62 2.95 -17.47 -1.74
CA PHE B 62 2.58 -16.67 -0.56
C PHE B 62 2.02 -15.31 -0.94
N PRO B 63 1.09 -14.82 -0.12
CA PRO B 63 0.44 -13.53 -0.36
C PRO B 63 1.47 -12.42 -0.26
N THR B 64 1.50 -11.50 -1.23
CA THR B 64 2.40 -10.33 -1.14
C THR B 64 1.62 -9.08 -0.79
N SER B 65 0.38 -9.00 -1.31
CA SER B 65 -0.52 -7.95 -0.89
C SER B 65 -2.01 -8.33 -1.07
N LEU B 66 -2.86 -7.67 -0.29
CA LEU B 66 -4.30 -7.74 -0.45
C LEU B 66 -4.95 -6.39 -0.45
N HIS B 67 -6.14 -6.34 -1.02
CA HIS B 67 -6.83 -5.11 -1.21
C HIS B 67 -8.27 -5.37 -1.11
N SER B 68 -8.86 -4.90 0.00
CA SER B 68 -10.18 -5.24 0.38
C SER B 68 -11.08 -4.04 0.39
N TYR B 69 -12.25 -4.18 -0.23
CA TYR B 69 -13.25 -3.15 -0.37
C TYR B 69 -14.51 -3.53 0.40
N PHE B 70 -14.87 -2.68 1.39
CA PHE B 70 -16.10 -2.80 2.18
C PHE B 70 -17.29 -2.28 1.44
N ILE B 71 -18.16 -3.16 1.00
CA ILE B 71 -19.22 -2.76 0.05
C ILE B 71 -20.59 -2.58 0.73
N LYS B 72 -20.87 -3.35 1.76
CA LYS B 72 -22.15 -3.30 2.46
C LYS B 72 -21.96 -4.05 3.81
N GLY B 73 -22.61 -3.55 4.86
CA GLY B 73 -22.56 -4.18 6.17
C GLY B 73 -23.08 -5.61 6.15
N GLY B 74 -22.47 -6.47 6.95
CA GLY B 74 -22.89 -7.85 7.00
C GLY B 74 -23.99 -8.07 8.01
N ASP B 75 -24.30 -9.33 8.28
CA ASP B 75 -25.52 -9.69 8.98
C ASP B 75 -25.33 -10.49 10.28
N PRO B 76 -24.10 -10.69 10.73
CA PRO B 76 -23.66 -11.87 11.52
C PRO B 76 -24.74 -12.87 12.02
N ARG B 77 -25.85 -12.94 11.31
CA ARG B 77 -26.95 -13.82 11.61
C ARG B 77 -27.23 -14.59 10.33
N THR B 78 -26.45 -14.34 9.25
CA THR B 78 -26.37 -15.29 8.15
C THR B 78 -24.92 -15.63 7.73
N LYS B 79 -24.76 -16.89 7.36
CA LYS B 79 -23.81 -17.38 6.39
C LYS B 79 -23.10 -16.33 5.49
N ILE B 80 -21.80 -16.48 5.32
CA ILE B 80 -21.06 -15.77 4.25
C ILE B 80 -20.53 -16.78 3.28
N THR B 81 -20.81 -16.56 2.00
CA THR B 81 -20.28 -17.40 0.93
C THR B 81 -19.17 -16.67 0.16
N TYR B 82 -18.00 -17.27 0.09
CA TYR B 82 -16.86 -16.70 -0.67
C TYR B 82 -16.65 -17.44 -2.00
N HIS B 83 -16.54 -16.68 -3.08
CA HIS B 83 -16.15 -17.19 -4.38
C HIS B 83 -14.77 -16.64 -4.77
N VAL B 84 -13.88 -17.54 -5.20
CA VAL B 84 -12.51 -17.22 -5.58
C VAL B 84 -12.45 -17.30 -7.09
N GLN B 85 -12.02 -16.21 -7.73
CA GLN B 85 -11.91 -16.19 -9.16
C GLN B 85 -10.45 -15.88 -9.53
N ASN B 86 -9.93 -16.59 -10.54
CA ASN B 86 -8.55 -16.43 -10.98
C ASN B 86 -8.51 -15.32 -11.97
N LEU B 87 -7.80 -14.24 -11.65
CA LEU B 87 -7.81 -13.04 -12.49
C LEU B 87 -6.68 -13.05 -13.50
N ARG B 88 -5.52 -13.48 -13.05
CA ARG B 88 -4.30 -13.39 -13.83
C ARG B 88 -3.27 -14.34 -13.27
N ASN B 89 -2.49 -14.90 -14.20
CA ASN B 89 -1.23 -15.57 -13.91
C ASN B 89 -0.12 -14.83 -14.67
N GLY B 90 1.02 -14.69 -14.01
CA GLY B 90 2.28 -14.34 -14.64
C GLY B 90 3.28 -15.38 -14.18
N ARG B 91 4.53 -15.31 -14.60
CA ARG B 91 5.53 -16.33 -14.23
C ARG B 91 5.49 -16.61 -12.73
N ASN B 92 5.59 -15.50 -12.02
CA ASN B 92 5.94 -15.50 -10.63
C ASN B 92 4.75 -15.22 -9.71
N PHE B 93 3.61 -14.85 -10.29
CA PHE B 93 2.50 -14.35 -9.50
C PHE B 93 1.13 -14.93 -9.88
N ILE B 94 0.26 -14.92 -8.91
CA ILE B 94 -1.12 -15.32 -9.07
C ILE B 94 -1.95 -14.20 -8.49
N HIS B 95 -2.96 -13.78 -9.20
CA HIS B 95 -3.88 -12.77 -8.72
C HIS B 95 -5.26 -13.33 -8.58
N LYS B 96 -5.80 -13.38 -7.37
CA LYS B 96 -7.21 -13.82 -7.13
C LYS B 96 -8.15 -12.70 -6.76
N GLN B 97 -9.41 -12.79 -7.18
CA GLN B 97 -10.45 -11.96 -6.63
C GLN B 97 -11.37 -12.81 -5.75
N VAL B 98 -11.52 -12.42 -4.48
CA VAL B 98 -12.44 -13.07 -3.56
C VAL B 98 -13.62 -12.17 -3.28
N SER B 99 -14.82 -12.65 -3.58
CA SER B 99 -16.06 -11.95 -3.37
C SER B 99 -16.87 -12.66 -2.26
N ALA B 100 -17.34 -11.91 -1.29
CA ALA B 100 -18.19 -12.40 -0.22
C ALA B 100 -19.64 -11.96 -0.43
N TYR B 101 -20.53 -12.90 -0.17
CA TYR B 101 -21.96 -12.75 -0.34
C TYR B 101 -22.73 -13.23 0.87
N GLN B 102 -23.88 -12.60 1.01
CA GLN B 102 -24.95 -12.93 1.98
C GLN B 102 -26.25 -12.66 1.25
N HIS B 103 -27.17 -13.63 1.24
CA HIS B 103 -28.46 -13.54 0.50
C HIS B 103 -28.30 -13.29 -1.01
N ASP B 104 -27.27 -13.88 -1.59
CA ASP B 104 -26.88 -13.59 -2.98
C ASP B 104 -26.50 -12.14 -3.30
N LYS B 105 -26.31 -11.30 -2.29
CA LYS B 105 -25.81 -9.92 -2.50
C LYS B 105 -24.29 -9.74 -2.15
N LEU B 106 -23.55 -9.06 -3.01
CA LEU B 106 -22.13 -8.73 -2.72
C LEU B 106 -21.95 -7.83 -1.50
N ILE B 107 -21.24 -8.29 -0.46
CA ILE B 107 -20.97 -7.44 0.70
C ILE B 107 -19.49 -6.98 0.81
N PHE B 108 -18.61 -7.58 0.01
CA PHE B 108 -17.16 -7.43 0.23
C PHE B 108 -16.37 -8.10 -0.91
N THR B 109 -15.30 -7.46 -1.39
CA THR B 109 -14.32 -8.13 -2.28
C THR B 109 -12.91 -7.82 -1.86
N SER B 110 -12.01 -8.75 -2.12
CA SER B 110 -10.60 -8.48 -2.12
C SER B 110 -9.86 -8.99 -3.36
N MET B 111 -8.81 -8.27 -3.72
CA MET B 111 -7.87 -8.68 -4.71
C MET B 111 -6.66 -9.14 -3.89
N ILE B 112 -6.28 -10.40 -4.01
CA ILE B 112 -5.17 -10.95 -3.27
C ILE B 112 -4.10 -11.40 -4.26
N LEU B 113 -2.90 -10.88 -4.09
CA LEU B 113 -1.76 -11.16 -4.95
C LEU B 113 -0.79 -12.07 -4.23
N PHE B 114 -0.30 -13.05 -4.96
CA PHE B 114 0.61 -14.06 -4.44
C PHE B 114 1.88 -14.12 -5.28
N ALA B 115 2.99 -14.42 -4.64
CA ALA B 115 4.24 -14.71 -5.36
C ALA B 115 4.85 -16.01 -4.90
N VAL B 116 5.48 -16.72 -5.85
CA VAL B 116 6.25 -17.91 -5.53
C VAL B 116 7.52 -17.52 -4.87
N GLN B 117 7.79 -18.25 -3.79
CA GLN B 117 9.12 -18.34 -3.24
C GLN B 117 9.72 -19.69 -3.70
N ARG B 118 11.03 -19.68 -3.95
CA ARG B 118 11.76 -20.82 -4.51
C ARG B 118 12.94 -21.26 -3.61
N ILE C 14 15.38 8.15 -20.99
CA ILE C 14 15.74 6.90 -20.21
C ILE C 14 15.04 6.76 -18.85
N LEU C 15 13.72 7.03 -18.83
CA LEU C 15 12.74 6.54 -17.86
C LEU C 15 11.81 5.63 -18.68
N GLU C 16 12.31 5.26 -19.85
CA GLU C 16 11.55 4.66 -20.95
C GLU C 16 11.19 3.20 -20.68
N LEU C 17 9.96 2.85 -21.02
CA LEU C 17 9.44 1.48 -20.85
C LEU C 17 9.02 0.91 -22.21
N VAL C 18 9.06 -0.41 -22.30
CA VAL C 18 8.62 -1.21 -23.41
C VAL C 18 7.39 -2.05 -23.00
N PRO C 19 6.21 -1.80 -23.60
CA PRO C 19 5.03 -2.64 -23.40
C PRO C 19 5.14 -4.06 -23.89
N LEU C 20 5.12 -5.03 -23.01
CA LEU C 20 5.08 -6.41 -23.40
C LEU C 20 3.63 -6.84 -23.51
N SER C 21 2.71 -6.00 -23.07
CA SER C 21 1.32 -6.44 -23.06
C SER C 21 0.47 -5.25 -22.68
N PRO C 22 -0.83 -5.45 -22.60
CA PRO C 22 -1.68 -4.32 -22.18
C PRO C 22 -1.37 -3.85 -20.73
N THR C 23 -0.82 -4.78 -19.92
CA THR C 23 -0.58 -4.54 -18.49
C THR C 23 0.87 -4.69 -18.01
N SER C 24 1.77 -5.04 -18.89
CA SER C 24 3.12 -5.34 -18.46
C SER C 24 4.13 -4.55 -19.32
N PHE C 25 5.18 -4.07 -18.66
CA PHE C 25 6.13 -3.08 -19.18
C PHE C 25 7.53 -3.45 -18.62
N VAL C 26 8.62 -3.34 -19.43
CA VAL C 26 10.00 -3.56 -18.99
C VAL C 26 10.73 -2.29 -19.29
N THR C 27 11.69 -1.98 -18.46
CA THR C 27 12.56 -0.87 -18.76
C THR C 27 13.35 -1.19 -20.06
N LYS C 28 13.57 -0.13 -20.82
CA LYS C 28 14.35 -0.19 -22.06
C LYS C 28 15.85 -0.18 -21.73
N TYR C 29 16.23 0.77 -20.87
CA TYR C 29 17.60 0.90 -20.38
C TYR C 29 17.72 0.32 -18.96
N LEU C 30 18.97 0.08 -18.54
CA LEU C 30 19.22 -0.48 -17.21
C LEU C 30 18.93 0.61 -16.20
N PRO C 31 18.29 0.28 -15.07
CA PRO C 31 18.18 1.19 -13.92
C PRO C 31 19.56 1.66 -13.44
N THR C 40 19.16 0.74 -6.72
CA THR C 40 18.24 1.38 -7.67
C THR C 40 17.50 2.52 -6.98
N PHE C 41 17.46 3.69 -7.61
CA PHE C 41 16.83 4.82 -6.99
C PHE C 41 15.29 4.52 -6.94
N GLY C 42 14.70 4.90 -5.80
CA GLY C 42 13.32 4.62 -5.51
C GLY C 42 12.48 5.55 -6.35
N GLY C 43 13.02 6.75 -6.63
CA GLY C 43 12.41 7.72 -7.53
C GLY C 43 12.21 7.21 -8.92
N THR C 44 13.08 6.33 -9.40
CA THR C 44 12.92 5.73 -10.70
C THR C 44 11.77 4.69 -10.71
N LEU C 45 11.71 3.95 -9.63
CA LEU C 45 10.70 2.97 -9.36
C LEU C 45 9.32 3.66 -9.29
N VAL C 46 9.23 4.78 -8.57
CA VAL C 46 7.93 5.42 -8.43
C VAL C 46 7.50 6.02 -9.75
N SER C 47 8.43 6.65 -10.46
CA SER C 47 8.15 7.35 -11.70
C SER C 47 7.71 6.40 -12.81
N GLN C 48 8.43 5.28 -12.95
CA GLN C 48 8.16 4.36 -14.05
C GLN C 48 6.87 3.61 -13.74
N SER C 49 6.67 3.26 -12.47
CA SER C 49 5.43 2.62 -12.08
C SER C 49 4.23 3.52 -12.35
N LEU C 50 4.40 4.82 -12.17
CA LEU C 50 3.33 5.77 -12.47
C LEU C 50 3.05 5.82 -13.99
N LEU C 51 4.11 5.99 -14.79
CA LEU C 51 3.97 6.01 -16.25
C LEU C 51 3.24 4.74 -16.70
N ALA C 52 3.65 3.62 -16.13
CA ALA C 52 3.10 2.36 -16.55
C ALA C 52 1.59 2.37 -16.38
N SER C 53 1.14 2.89 -15.24
CA SER C 53 -0.28 2.90 -14.87
C SER C 53 -1.06 3.86 -15.80
N LEU C 54 -0.42 4.96 -16.17
CA LEU C 54 -1.06 5.95 -17.03
C LEU C 54 -1.40 5.39 -18.41
N HIS C 55 -0.66 4.39 -18.87
CA HIS C 55 -0.97 3.75 -20.14
C HIS C 55 -2.15 2.79 -20.05
N THR C 56 -2.59 2.42 -18.84
CA THR C 56 -3.73 1.49 -18.66
C THR C 56 -5.05 2.17 -18.27
N VAL C 57 -5.04 3.47 -18.17
CA VAL C 57 -6.17 4.23 -17.66
C VAL C 57 -6.67 5.23 -18.71
N PRO C 58 -7.98 5.53 -18.79
CA PRO C 58 -8.44 6.52 -19.77
C PRO C 58 -7.82 7.89 -19.60
N LEU C 59 -7.70 8.58 -20.73
CA LEU C 59 -7.03 9.87 -20.82
C LEU C 59 -7.71 10.88 -19.96
N ASN C 60 -9.02 10.82 -19.78
CA ASN C 60 -9.70 11.72 -18.83
C ASN C 60 -9.54 11.40 -17.31
N PHE C 61 -8.82 10.34 -16.95
CA PHE C 61 -8.61 10.03 -15.52
C PHE C 61 -7.23 10.53 -15.11
N PHE C 62 -7.12 11.16 -13.94
CA PHE C 62 -5.86 11.64 -13.43
C PHE C 62 -5.57 11.11 -12.01
N PRO C 63 -4.29 10.94 -11.70
CA PRO C 63 -3.88 10.51 -10.35
C PRO C 63 -4.24 11.53 -9.27
N THR C 64 -4.86 11.05 -8.19
CA THR C 64 -5.05 11.85 -6.97
C THR C 64 -4.04 11.50 -5.87
N SER C 65 -3.66 10.25 -5.77
CA SER C 65 -2.62 9.88 -4.83
C SER C 65 -1.89 8.63 -5.26
N LEU C 66 -0.74 8.43 -4.68
CA LEU C 66 -0.07 7.15 -4.83
C LEU C 66 0.64 6.73 -3.60
N HIS C 67 0.88 5.44 -3.51
CA HIS C 67 1.35 4.85 -2.30
C HIS C 67 2.30 3.78 -2.64
N SER C 68 3.60 4.01 -2.44
CA SER C 68 4.63 3.09 -2.85
C SER C 68 5.34 2.40 -1.69
N TYR C 69 5.62 1.13 -1.88
CA TYR C 69 6.22 0.27 -0.82
C TYR C 69 7.48 -0.35 -1.40
N PHE C 70 8.58 -0.12 -0.68
CA PHE C 70 9.93 -0.53 -1.09
C PHE C 70 10.22 -1.83 -0.37
N ILE C 71 10.16 -2.93 -1.09
CA ILE C 71 10.19 -4.26 -0.51
C ILE C 71 11.58 -4.89 -0.53
N LYS C 72 12.36 -4.62 -1.56
CA LYS C 72 13.72 -5.14 -1.66
C LYS C 72 14.52 -4.20 -2.55
N GLY C 73 15.80 -3.97 -2.26
CA GLY C 73 16.57 -3.04 -3.06
C GLY C 73 16.87 -3.57 -4.44
N GLY C 74 16.97 -2.70 -5.44
CA GLY C 74 18.18 -2.72 -6.30
C GLY C 74 18.33 -3.37 -7.67
N ASP C 75 19.39 -4.16 -7.82
CA ASP C 75 20.41 -3.87 -8.80
C ASP C 75 20.08 -3.10 -10.02
N PRO C 76 20.96 -2.14 -10.21
CA PRO C 76 21.09 -1.41 -11.47
C PRO C 76 21.54 -2.26 -12.66
N ARG C 77 21.96 -3.49 -12.45
CA ARG C 77 22.52 -4.31 -13.53
C ARG C 77 21.48 -5.08 -14.30
N THR C 78 20.22 -5.08 -13.84
CA THR C 78 19.20 -5.82 -14.55
C THR C 78 17.92 -4.97 -14.75
N LYS C 79 17.10 -5.40 -15.71
CA LYS C 79 15.89 -4.71 -16.10
C LYS C 79 14.84 -4.78 -14.97
N ILE C 80 13.87 -3.89 -15.05
CA ILE C 80 12.70 -4.00 -14.21
C ILE C 80 11.44 -4.29 -15.01
N THR C 81 10.68 -5.29 -14.57
CA THR C 81 9.37 -5.58 -15.15
C THR C 81 8.29 -5.06 -14.21
N TYR C 82 7.44 -4.18 -14.76
CA TYR C 82 6.22 -3.75 -14.13
C TYR C 82 4.99 -4.50 -14.64
N HIS C 83 4.11 -4.86 -13.70
CA HIS C 83 2.78 -5.42 -14.01
C HIS C 83 1.73 -4.56 -13.34
N VAL C 84 0.75 -4.13 -14.11
CA VAL C 84 -0.36 -3.33 -13.61
C VAL C 84 -1.57 -4.23 -13.42
N GLN C 85 -2.13 -4.18 -12.22
CA GLN C 85 -3.33 -4.94 -11.89
C GLN C 85 -4.46 -3.98 -11.50
N ASN C 86 -5.62 -4.16 -12.08
CA ASN C 86 -6.81 -3.36 -11.74
C ASN C 86 -7.31 -3.79 -10.36
N LEU C 87 -7.54 -2.85 -9.47
CA LEU C 87 -8.02 -3.21 -8.14
C LEU C 87 -9.52 -2.95 -8.06
N ARG C 88 -9.94 -1.88 -8.66
CA ARG C 88 -11.27 -1.34 -8.47
C ARG C 88 -11.45 -0.30 -9.53
N ASN C 89 -12.59 -0.34 -10.20
CA ASN C 89 -13.02 0.79 -10.97
C ASN C 89 -14.51 1.07 -10.93
N GLY C 90 -14.78 2.28 -11.37
CA GLY C 90 -16.09 2.87 -11.33
C GLY C 90 -16.06 4.04 -12.28
N ARG C 91 -17.18 4.75 -12.19
CA ARG C 91 -17.50 5.87 -13.05
C ARG C 91 -16.52 6.99 -12.80
N ASN C 92 -16.31 7.31 -11.51
CA ASN C 92 -15.52 8.47 -11.09
C ASN C 92 -14.11 8.15 -10.59
N PHE C 93 -13.82 6.88 -10.37
CA PHE C 93 -12.57 6.47 -9.71
C PHE C 93 -11.99 5.22 -10.36
N ILE C 94 -10.66 5.12 -10.41
CA ILE C 94 -9.95 3.88 -10.71
C ILE C 94 -8.79 3.68 -9.72
N HIS C 95 -8.66 2.46 -9.20
CA HIS C 95 -7.50 2.06 -8.41
C HIS C 95 -6.66 1.00 -9.12
N LYS C 96 -5.37 1.28 -9.26
CA LYS C 96 -4.39 0.32 -9.83
C LYS C 96 -3.30 -0.06 -8.84
N GLN C 97 -2.78 -1.27 -8.97
CA GLN C 97 -1.57 -1.69 -8.27
C GLN C 97 -0.54 -1.97 -9.34
N VAL C 98 0.66 -1.48 -9.15
CA VAL C 98 1.76 -1.76 -10.05
C VAL C 98 2.89 -2.44 -9.33
N SER C 99 3.19 -3.68 -9.68
CA SER C 99 4.28 -4.45 -9.05
C SER C 99 5.51 -4.49 -9.94
N ALA C 100 6.67 -4.31 -9.35
CA ALA C 100 7.91 -4.35 -10.06
C ALA C 100 8.71 -5.58 -9.62
N TYR C 101 9.18 -6.36 -10.60
CA TYR C 101 10.01 -7.52 -10.38
C TYR C 101 11.41 -7.31 -10.90
N GLN C 102 12.38 -7.97 -10.26
CA GLN C 102 13.71 -8.24 -10.86
C GLN C 102 14.09 -9.61 -10.43
N HIS C 103 14.73 -10.37 -11.32
CA HIS C 103 15.14 -11.74 -11.02
C HIS C 103 13.99 -12.55 -10.46
N ASP C 104 12.79 -12.37 -11.02
CA ASP C 104 11.62 -13.16 -10.66
C ASP C 104 11.15 -12.93 -9.20
N LYS C 105 11.51 -11.78 -8.65
CA LYS C 105 11.19 -11.44 -7.29
C LYS C 105 10.58 -10.04 -7.21
N LEU C 106 9.57 -9.88 -6.37
CA LEU C 106 8.92 -8.62 -6.16
C LEU C 106 9.86 -7.67 -5.47
N ILE C 107 10.10 -6.49 -6.00
CA ILE C 107 10.97 -5.55 -5.26
C ILE C 107 10.25 -4.28 -4.77
N PHE C 108 9.06 -4.02 -5.31
CA PHE C 108 8.43 -2.71 -5.23
C PHE C 108 6.99 -2.86 -5.74
N THR C 109 6.08 -2.21 -5.05
CA THR C 109 4.68 -2.23 -5.39
C THR C 109 4.11 -0.86 -5.07
N SER C 110 3.21 -0.41 -5.93
CA SER C 110 2.62 0.88 -5.79
C SER C 110 1.12 0.84 -6.05
N MET C 111 0.33 1.43 -5.16
CA MET C 111 -1.07 1.66 -5.42
C MET C 111 -1.31 3.09 -5.88
N ILE C 112 -1.99 3.23 -7.02
CA ILE C 112 -2.25 4.51 -7.61
C ILE C 112 -3.74 4.73 -7.78
N LEU C 113 -4.21 5.84 -7.23
CA LEU C 113 -5.61 6.18 -7.25
C LEU C 113 -5.84 7.25 -8.26
N PHE C 114 -6.88 7.07 -9.05
CA PHE C 114 -7.22 8.02 -10.11
C PHE C 114 -8.66 8.51 -9.97
N ALA C 115 -8.92 9.71 -10.43
CA ALA C 115 -10.27 10.23 -10.50
C ALA C 115 -10.50 10.90 -11.84
N VAL C 116 -11.77 10.94 -12.24
CA VAL C 116 -12.20 11.52 -13.52
C VAL C 116 -12.29 13.02 -13.39
N GLN C 117 -11.98 13.72 -14.49
CA GLN C 117 -12.40 15.13 -14.73
C GLN C 117 -13.16 15.84 -13.60
N ILE D 14 21.38 14.59 -11.25
CA ILE D 14 20.13 13.89 -10.78
C ILE D 14 19.11 14.84 -10.11
N LEU D 15 18.05 15.22 -10.86
CA LEU D 15 16.93 16.07 -10.38
C LEU D 15 17.30 17.08 -9.27
N GLU D 16 18.57 17.49 -9.28
CA GLU D 16 19.23 18.15 -8.16
C GLU D 16 18.46 19.34 -7.59
N LEU D 17 18.47 19.43 -6.27
CA LEU D 17 17.90 20.53 -5.49
C LEU D 17 19.00 21.34 -4.86
N VAL D 18 18.69 22.56 -4.50
CA VAL D 18 19.63 23.40 -3.79
C VAL D 18 19.08 23.61 -2.39
N PRO D 19 19.87 23.27 -1.37
CA PRO D 19 19.44 23.49 0.01
C PRO D 19 19.37 24.96 0.34
N LEU D 20 18.25 25.39 0.88
CA LEU D 20 18.13 26.70 1.49
C LEU D 20 18.29 26.59 2.97
N SER D 21 18.17 25.38 3.50
CA SER D 21 18.42 25.11 4.92
C SER D 21 18.75 23.60 5.11
N PRO D 22 18.94 23.14 6.33
CA PRO D 22 18.92 21.70 6.53
C PRO D 22 17.61 21.05 5.99
N THR D 23 16.55 21.85 5.94
CA THR D 23 15.18 21.36 5.89
C THR D 23 14.33 21.89 4.72
N SER D 24 14.87 22.76 3.84
CA SER D 24 14.13 23.30 2.69
C SER D 24 15.01 23.37 1.47
N PHE D 25 14.39 23.29 0.30
CA PHE D 25 15.10 22.98 -0.94
C PHE D 25 14.35 23.58 -2.15
N VAL D 26 15.08 24.10 -3.15
CA VAL D 26 14.46 24.61 -4.37
C VAL D 26 14.97 23.83 -5.54
N THR D 27 14.16 23.71 -6.57
CA THR D 27 14.66 23.14 -7.82
C THR D 27 15.79 24.05 -8.36
N LYS D 28 16.87 23.39 -8.75
CA LYS D 28 18.07 24.01 -9.29
C LYS D 28 17.82 24.39 -10.75
N TYR D 29 17.11 23.50 -11.44
CA TYR D 29 16.95 23.50 -12.88
C TYR D 29 15.51 23.72 -13.36
N LEU D 30 15.42 23.90 -14.69
CA LEU D 30 14.25 23.63 -15.56
C LEU D 30 14.23 24.61 -16.74
N GLY D 39 2.66 12.42 -17.24
CA GLY D 39 2.89 12.37 -15.81
C GLY D 39 4.35 12.16 -15.37
N THR D 40 5.29 12.72 -16.12
CA THR D 40 6.67 12.79 -15.70
C THR D 40 6.74 13.93 -14.69
N PHE D 41 5.77 14.85 -14.74
CA PHE D 41 5.72 15.90 -13.76
C PHE D 41 5.43 15.29 -12.41
N GLY D 42 4.43 14.41 -12.34
CA GLY D 42 4.12 13.69 -11.12
C GLY D 42 5.33 12.93 -10.57
N GLY D 43 5.98 12.17 -11.47
CA GLY D 43 7.16 11.41 -11.13
C GLY D 43 8.29 12.32 -10.70
N THR D 44 8.30 13.56 -11.18
CA THR D 44 9.30 14.52 -10.77
C THR D 44 9.07 15.00 -9.36
N LEU D 45 7.82 15.36 -9.08
CA LEU D 45 7.49 15.83 -7.75
C LEU D 45 7.85 14.78 -6.68
N VAL D 46 7.56 13.52 -6.97
CA VAL D 46 7.75 12.45 -5.99
C VAL D 46 9.26 12.20 -5.77
N SER D 47 9.98 12.11 -6.89
CA SER D 47 11.41 11.98 -6.87
C SER D 47 12.13 13.04 -6.07
N GLN D 48 11.83 14.28 -6.36
CA GLN D 48 12.48 15.37 -5.73
C GLN D 48 12.06 15.40 -4.27
N SER D 49 10.82 15.06 -4.00
CA SER D 49 10.36 15.17 -2.65
C SER D 49 11.08 14.09 -1.82
N LEU D 50 11.37 12.97 -2.45
CA LEU D 50 12.14 11.94 -1.85
C LEU D 50 13.65 12.28 -1.70
N LEU D 51 14.21 13.01 -2.67
CA LEU D 51 15.59 13.47 -2.57
C LEU D 51 15.70 14.45 -1.45
N ALA D 52 14.76 15.38 -1.39
CA ALA D 52 14.74 16.31 -0.32
C ALA D 52 14.78 15.61 1.03
N SER D 53 13.86 14.67 1.25
CA SER D 53 13.70 14.02 2.57
C SER D 53 14.94 13.16 2.89
N LEU D 54 15.58 12.63 1.87
CA LEU D 54 16.78 11.83 2.03
C LEU D 54 17.98 12.67 2.55
N HIS D 55 17.93 13.97 2.36
CA HIS D 55 19.01 14.83 2.79
C HIS D 55 18.83 15.21 4.23
N THR D 56 17.72 14.79 4.85
CA THR D 56 17.43 15.11 6.23
C THR D 56 17.50 13.93 7.18
N VAL D 57 17.83 12.76 6.67
CA VAL D 57 17.89 11.53 7.45
C VAL D 57 19.31 10.97 7.44
N PRO D 58 19.70 10.22 8.48
CA PRO D 58 21.05 9.62 8.52
C PRO D 58 21.37 8.63 7.43
N LEU D 59 22.65 8.35 7.27
CA LEU D 59 23.17 7.51 6.20
C LEU D 59 22.37 6.21 6.03
N ASN D 60 22.06 5.52 7.12
CA ASN D 60 21.44 4.19 7.04
C ASN D 60 19.91 4.23 7.26
N PHE D 61 19.25 5.32 6.87
CA PHE D 61 17.81 5.34 6.87
C PHE D 61 17.40 5.32 5.45
N PHE D 62 16.58 4.32 5.11
CA PHE D 62 16.08 4.16 3.75
C PHE D 62 14.57 4.09 3.74
N PRO D 63 13.95 4.64 2.70
CA PRO D 63 12.49 4.68 2.61
C PRO D 63 11.89 3.26 2.62
N THR D 64 10.87 3.06 3.42
CA THR D 64 10.08 1.83 3.38
C THR D 64 8.79 2.06 2.59
N SER D 65 8.26 3.25 2.71
CA SER D 65 7.10 3.61 1.97
C SER D 65 6.97 5.10 1.79
N LEU D 66 6.16 5.46 0.80
CA LEU D 66 5.98 6.84 0.38
C LEU D 66 4.55 7.00 -0.12
N HIS D 67 3.92 8.14 0.20
CA HIS D 67 2.53 8.39 -0.04
C HIS D 67 2.43 9.81 -0.54
N SER D 68 2.06 9.96 -1.81
CA SER D 68 1.96 11.28 -2.38
C SER D 68 0.55 11.65 -2.80
N TYR D 69 0.19 12.90 -2.48
CA TYR D 69 -1.09 13.51 -2.78
C TYR D 69 -0.92 14.65 -3.75
N PHE D 70 -1.60 14.54 -4.90
CA PHE D 70 -1.62 15.51 -5.97
C PHE D 70 -2.64 16.60 -5.60
N ILE D 71 -2.18 17.78 -5.20
CA ILE D 71 -3.11 18.80 -4.73
C ILE D 71 -3.54 19.77 -5.86
N LYS D 72 -2.59 20.23 -6.65
CA LYS D 72 -2.94 21.08 -7.78
C LYS D 72 -1.81 20.91 -8.78
N GLY D 73 -2.15 20.95 -10.07
CA GLY D 73 -1.17 20.91 -11.14
C GLY D 73 -0.27 22.13 -10.96
N GLY D 74 1.00 21.96 -11.34
CA GLY D 74 1.97 23.05 -11.31
C GLY D 74 2.37 23.40 -12.71
N ASP D 75 3.15 24.48 -12.87
CA ASP D 75 3.79 24.77 -14.16
C ASP D 75 5.25 24.44 -14.02
N PRO D 76 5.81 23.83 -15.07
CA PRO D 76 7.24 23.56 -15.13
C PRO D 76 7.98 24.81 -15.63
N ARG D 77 7.28 25.68 -16.33
CA ARG D 77 8.32 26.69 -15.19
C ARG D 77 8.50 27.87 -14.71
N THR D 78 8.13 27.26 -13.58
CA THR D 78 8.30 27.86 -12.25
C THR D 78 9.03 26.88 -11.33
N LYS D 79 9.93 27.41 -10.51
CA LYS D 79 10.70 26.60 -9.57
C LYS D 79 9.77 25.99 -8.49
N ILE D 80 10.14 24.83 -7.96
CA ILE D 80 9.41 24.23 -6.82
C ILE D 80 10.27 24.32 -5.55
N THR D 81 9.63 24.74 -4.47
CA THR D 81 10.23 24.77 -3.15
C THR D 81 9.64 23.67 -2.23
N TYR D 82 10.53 22.83 -1.69
CA TYR D 82 10.20 21.68 -0.83
C TYR D 82 10.58 21.92 0.63
N HIS D 83 9.62 21.84 1.53
CA HIS D 83 9.87 21.86 2.96
C HIS D 83 9.64 20.46 3.53
N VAL D 84 10.62 20.02 4.32
CA VAL D 84 10.64 18.74 4.97
C VAL D 84 10.44 18.92 6.46
N GLN D 85 9.37 18.34 7.00
CA GLN D 85 9.08 18.36 8.46
C GLN D 85 9.15 16.98 9.07
N ASN D 86 9.46 16.92 10.35
CA ASN D 86 9.43 15.69 11.11
C ASN D 86 8.08 15.48 11.75
N LEU D 87 7.51 14.27 11.68
CA LEU D 87 6.13 14.10 12.11
C LEU D 87 5.90 13.39 13.41
N ARG D 88 6.72 12.41 13.74
CA ARG D 88 6.45 11.64 14.96
C ARG D 88 7.05 10.28 14.75
N ASN D 89 8.08 10.04 15.54
CA ASN D 89 9.01 8.95 15.42
C ASN D 89 8.57 7.73 16.19
N GLY D 90 9.22 6.62 15.87
CA GLY D 90 9.24 5.46 16.73
C GLY D 90 10.64 4.89 16.75
N ARG D 91 10.81 3.95 17.66
CA ARG D 91 11.79 2.89 17.55
C ARG D 91 12.74 2.89 16.32
N ASN D 92 12.17 2.40 15.24
CA ASN D 92 12.92 1.95 14.11
C ASN D 92 12.53 2.73 12.87
N PHE D 93 11.79 3.84 13.04
CA PHE D 93 11.35 4.60 11.89
C PHE D 93 11.35 6.10 12.09
N ILE D 94 11.41 6.80 10.95
CA ILE D 94 11.27 8.24 10.86
C ILE D 94 10.11 8.49 9.86
N HIS D 95 9.14 9.30 10.27
CA HIS D 95 8.04 9.72 9.41
C HIS D 95 8.31 11.17 9.02
N LYS D 96 8.63 11.41 7.74
CA LYS D 96 8.74 12.79 7.19
C LYS D 96 7.48 13.19 6.40
N GLN D 97 7.09 14.47 6.49
CA GLN D 97 6.17 15.09 5.53
C GLN D 97 6.94 16.09 4.71
N VAL D 98 6.78 16.02 3.39
CA VAL D 98 7.44 16.89 2.45
C VAL D 98 6.38 17.59 1.66
N SER D 99 6.36 18.93 1.71
CA SER D 99 5.39 19.65 0.92
C SER D 99 6.03 20.51 -0.14
N ALA D 100 5.39 20.58 -1.29
CA ALA D 100 5.95 21.24 -2.45
C ALA D 100 5.10 22.45 -2.75
N TYR D 101 5.77 23.55 -3.11
CA TYR D 101 5.11 24.85 -3.32
C TYR D 101 5.53 25.52 -4.61
N GLN D 102 4.56 26.15 -5.27
CA GLN D 102 4.85 27.18 -6.26
C GLN D 102 4.01 28.39 -5.85
N HIS D 103 4.64 29.57 -5.76
CA HIS D 103 3.94 30.85 -5.48
C HIS D 103 3.33 30.88 -4.10
N ASP D 104 4.05 30.27 -3.16
CA ASP D 104 3.53 30.12 -1.82
C ASP D 104 2.24 29.28 -1.75
N LYS D 105 1.86 28.62 -2.85
CA LYS D 105 0.72 27.69 -2.86
C LYS D 105 1.13 26.22 -2.95
N LEU D 106 0.51 25.42 -2.07
CA LEU D 106 0.76 23.98 -1.98
C LEU D 106 0.32 23.27 -3.24
N ILE D 107 1.28 22.63 -3.88
CA ILE D 107 1.13 21.87 -5.11
C ILE D 107 0.97 20.34 -4.82
N PHE D 108 1.67 19.85 -3.80
CA PHE D 108 1.92 18.43 -3.67
C PHE D 108 2.45 18.20 -2.25
N THR D 109 2.08 17.06 -1.64
CA THR D 109 2.66 16.61 -0.36
C THR D 109 2.83 15.12 -0.37
N SER D 110 3.86 14.70 0.33
CA SER D 110 4.21 13.32 0.54
C SER D 110 4.44 13.04 2.03
N MET D 111 4.06 11.84 2.45
CA MET D 111 4.53 11.22 3.69
C MET D 111 5.54 10.15 3.28
N ILE D 112 6.76 10.24 3.78
CA ILE D 112 7.77 9.26 3.48
C ILE D 112 8.18 8.63 4.77
N LEU D 113 8.19 7.31 4.81
CA LEU D 113 8.58 6.57 5.99
C LEU D 113 9.92 5.96 5.76
N PHE D 114 10.75 5.98 6.80
CA PHE D 114 12.14 5.52 6.71
C PHE D 114 12.45 4.49 7.82
N ALA D 115 13.24 3.46 7.53
CA ALA D 115 13.78 2.55 8.57
C ALA D 115 15.26 2.28 8.44
N VAL D 116 15.81 1.85 9.59
CA VAL D 116 17.24 1.59 9.76
C VAL D 116 17.54 0.16 9.46
N GLN D 117 18.79 -0.11 9.03
CA GLN D 117 19.28 -1.49 8.80
C GLN D 117 20.10 -2.03 10.00
N ARG D 118 21.07 -1.24 10.47
CA ARG D 118 21.88 -1.59 11.68
C ARG D 118 22.93 -2.71 11.47
C FMT E . 2.14 -7.30 -5.21
O1 FMT E . 2.14 -6.27 -5.93
O2 FMT E . 1.56 -7.41 -4.10
C FMT F . 6.00 1.07 5.54
O1 FMT F . 6.65 2.15 5.41
O2 FMT F . 6.07 0.02 4.76
#